data_2G84
#
_entry.id   2G84
#
_cell.length_a   38.354
_cell.length_b   73.789
_cell.length_c   110.370
_cell.angle_alpha   90.00
_cell.angle_beta   90.00
_cell.angle_gamma   90.00
#
_symmetry.space_group_name_H-M   'P 21 21 21'
#
loop_
_entity.id
_entity.type
_entity.pdbx_description
1 polymer 'Cytidine and deoxycytidylate deaminase zinc-binding region'
2 non-polymer 'ZINC ION'
3 non-polymer 1,2-ETHANEDIOL
4 non-polymer BETA-MERCAPTOETHANOL
5 non-polymer 'SODIUM ION'
6 water water
#
_entity_poly.entity_id   1
_entity_poly.type   'polypeptide(L)'
_entity_poly.pdbx_seq_one_letter_code
;GHMNDALHIGLPPFLVQANNEPRVLAAPEARMGYVLELVRANIAADGGPFAAAVFERDSGLLIAAGTNRVVPGRCSAAHA
EILALSLAQAKLDTHDLSADGLPACELVTSAEPCVMCFGAVIWSGVRSLVCAARSDDVEAIGFDEGPRPENWMGGLEARG
ITVTTGLLRDAACALLREYNACNGVIYNARCGVHKGS
;
_entity_poly.pdbx_strand_id   A,B
#
# COMPACT_ATOMS: atom_id res chain seq x y z
N MET A 3 -7.84 5.75 14.77
CA MET A 3 -8.49 7.09 14.84
C MET A 3 -9.78 7.04 14.06
N ASN A 4 -10.82 7.70 14.54
CA ASN A 4 -12.13 7.61 13.89
CA ASN A 4 -12.10 7.55 13.83
C ASN A 4 -12.23 8.40 12.56
N ASP A 5 -11.29 9.32 12.32
CA ASP A 5 -11.39 10.19 11.13
C ASP A 5 -10.18 10.22 10.24
N ALA A 6 -9.34 9.19 10.32
CA ALA A 6 -8.12 9.22 9.46
C ALA A 6 -7.49 7.86 9.44
N LEU A 7 -6.71 7.61 8.39
CA LEU A 7 -5.73 6.52 8.46
C LEU A 7 -4.48 7.17 9.01
N HIS A 8 -3.99 6.63 10.11
CA HIS A 8 -2.89 7.26 10.82
C HIS A 8 -1.87 6.21 11.18
N ILE A 9 -0.72 6.25 10.50
CA ILE A 9 0.36 5.29 10.73
C ILE A 9 1.47 6.06 11.48
N GLY A 10 1.57 5.84 12.79
CA GLY A 10 2.60 6.49 13.61
C GLY A 10 3.99 6.03 13.23
N LEU A 11 4.95 6.95 13.36
CA LEU A 11 6.35 6.60 13.07
C LEU A 11 7.12 6.51 14.39
N PRO A 12 7.99 5.50 14.53
CA PRO A 12 8.84 5.42 15.75
C PRO A 12 9.80 6.62 15.81
N PRO A 13 10.27 6.95 17.01
CA PRO A 13 11.16 8.13 17.12
C PRO A 13 12.36 8.14 16.17
N PHE A 14 13.03 7.00 15.94
CA PHE A 14 14.19 7.06 15.02
C PHE A 14 13.77 7.48 13.63
N LEU A 15 12.54 7.12 13.24
CA LEU A 15 12.07 7.41 11.89
C LEU A 15 11.60 8.86 11.81
N VAL A 16 11.05 9.40 12.90
CA VAL A 16 10.79 10.83 12.97
C VAL A 16 12.11 11.61 12.86
N GLN A 17 13.13 11.17 13.62
CA GLN A 17 14.44 11.81 13.55
C GLN A 17 14.96 11.80 12.10
N ALA A 18 14.84 10.65 11.42
CA ALA A 18 15.35 10.51 10.04
C ALA A 18 14.66 11.49 9.11
N ASN A 19 13.34 11.69 9.32
CA ASN A 19 12.51 12.54 8.46
CA ASN A 19 12.59 12.57 8.43
C ASN A 19 12.66 14.04 8.81
N ASN A 20 13.22 14.34 9.97
CA ASN A 20 13.38 15.73 10.39
C ASN A 20 14.71 16.34 9.98
N GLU A 21 15.77 15.54 9.94
CA GLU A 21 17.10 16.08 9.78
C GLU A 21 17.53 16.24 8.30
N PRO A 22 17.89 17.48 7.87
CA PRO A 22 18.45 17.57 6.52
C PRO A 22 19.68 16.66 6.31
N ARG A 23 19.75 16.01 5.16
CA ARG A 23 20.82 15.06 4.90
C ARG A 23 20.97 14.97 3.39
N VAL A 24 22.22 14.96 2.96
CA VAL A 24 22.54 14.87 1.51
C VAL A 24 23.55 13.75 1.31
N LEU A 25 23.21 12.77 0.48
CA LEU A 25 24.08 11.59 0.29
C LEU A 25 24.22 11.40 -1.23
N ALA A 26 25.39 11.70 -1.79
CA ALA A 26 25.54 11.73 -3.25
C ALA A 26 25.64 10.34 -3.84
N ALA A 27 26.59 9.53 -3.38
CA ALA A 27 26.83 8.22 -3.99
C ALA A 27 25.70 7.23 -3.71
N PRO A 28 25.42 6.32 -4.66
CA PRO A 28 24.46 5.25 -4.40
C PRO A 28 24.74 4.51 -3.11
N GLU A 29 26.01 4.19 -2.88
CA GLU A 29 26.37 3.42 -1.69
C GLU A 29 26.11 4.23 -0.42
N ALA A 30 26.28 5.55 -0.49
CA ALA A 30 25.99 6.40 0.68
C ALA A 30 24.49 6.37 0.97
N ARG A 31 23.68 6.48 -0.10
CA ARG A 31 22.23 6.46 0.11
C ARG A 31 21.80 5.12 0.72
N MET A 32 22.28 4.03 0.14
CA MET A 32 21.89 2.71 0.61
C MET A 32 22.45 2.43 2.01
N GLY A 33 23.65 2.93 2.31
CA GLY A 33 24.21 2.70 3.64
C GLY A 33 23.26 3.29 4.68
N TYR A 34 22.70 4.48 4.39
CA TYR A 34 21.76 5.12 5.33
C TYR A 34 20.47 4.32 5.44
N VAL A 35 19.98 3.87 4.29
CA VAL A 35 18.76 3.07 4.33
C VAL A 35 18.96 1.79 5.20
N LEU A 36 20.11 1.12 5.04
CA LEU A 36 20.38 -0.06 5.83
C LEU A 36 20.55 0.26 7.34
N GLU A 37 21.01 1.47 7.69
CA GLU A 37 21.00 1.89 9.11
C GLU A 37 19.57 1.91 9.63
N LEU A 38 18.64 2.38 8.77
CA LEU A 38 17.25 2.41 9.20
C LEU A 38 16.64 1.01 9.34
N VAL A 39 17.10 0.04 8.53
CA VAL A 39 16.66 -1.34 8.72
C VAL A 39 17.04 -1.80 10.13
N ARG A 40 18.31 -1.58 10.51
CA ARG A 40 18.74 -2.10 11.82
CA ARG A 40 18.78 -2.04 11.83
C ARG A 40 17.96 -1.39 12.95
N ALA A 41 17.77 -0.08 12.84
CA ALA A 41 16.99 0.62 13.86
C ALA A 41 15.54 0.14 13.88
N ASN A 42 15.00 -0.20 12.72
CA ASN A 42 13.60 -0.65 12.68
C ASN A 42 13.43 -1.99 13.38
N ILE A 43 14.37 -2.89 13.16
CA ILE A 43 14.28 -4.22 13.79
C ILE A 43 14.30 -4.05 15.33
N ALA A 44 15.12 -3.13 15.80
CA ALA A 44 15.21 -2.87 17.26
C ALA A 44 13.89 -2.26 17.81
N ALA A 45 13.08 -1.67 16.92
CA ALA A 45 11.80 -1.08 17.25
C ALA A 45 10.63 -1.97 16.78
N ASP A 46 10.80 -3.30 16.80
CA ASP A 46 9.70 -4.27 16.59
C ASP A 46 9.18 -4.33 15.16
N GLY A 47 9.91 -3.73 14.22
CA GLY A 47 9.47 -3.73 12.81
C GLY A 47 10.14 -4.80 11.97
N GLY A 48 9.65 -4.98 10.73
CA GLY A 48 10.30 -5.91 9.83
C GLY A 48 11.65 -5.40 9.31
N PRO A 49 12.46 -6.30 8.76
CA PRO A 49 13.82 -5.92 8.36
C PRO A 49 13.88 -5.20 6.99
N PHE A 50 13.12 -4.11 6.89
CA PHE A 50 12.98 -3.40 5.60
C PHE A 50 12.90 -1.92 5.85
N ALA A 51 13.58 -1.17 4.98
CA ALA A 51 13.52 0.30 5.03
C ALA A 51 13.71 0.84 3.63
N ALA A 52 13.28 2.08 3.42
CA ALA A 52 13.43 2.70 2.11
C ALA A 52 13.43 4.21 2.29
N ALA A 53 13.96 4.94 1.31
CA ALA A 53 13.95 6.40 1.44
C ALA A 53 13.84 6.98 0.03
N VAL A 54 13.15 8.13 -0.05
CA VAL A 54 13.08 8.89 -1.28
C VAL A 54 14.11 9.99 -1.22
N PHE A 55 14.95 10.06 -2.26
CA PHE A 55 15.98 11.09 -2.41
C PHE A 55 15.72 11.88 -3.69
N GLU A 56 16.20 13.12 -3.71
CA GLU A 56 16.35 13.79 -5.00
C GLU A 56 17.40 12.99 -5.77
N ARG A 57 17.03 12.46 -6.93
CA ARG A 57 17.93 11.59 -7.66
C ARG A 57 19.28 12.22 -7.97
N ASP A 58 19.25 13.51 -8.35
CA ASP A 58 20.45 14.16 -8.89
C ASP A 58 21.18 15.05 -7.90
N SER A 59 20.61 15.32 -6.73
CA SER A 59 21.35 16.11 -5.70
C SER A 59 21.72 15.27 -4.48
N GLY A 60 21.00 14.17 -4.23
CA GLY A 60 21.23 13.36 -3.04
C GLY A 60 20.47 13.83 -1.79
N LEU A 61 19.69 14.90 -1.90
CA LEU A 61 18.93 15.37 -0.75
C LEU A 61 17.90 14.35 -0.34
N LEU A 62 17.92 13.97 0.94
CA LEU A 62 16.89 13.08 1.46
C LEU A 62 15.55 13.82 1.54
N ILE A 63 14.48 13.20 1.01
CA ILE A 63 13.15 13.79 1.12
CA ILE A 63 13.12 13.76 1.09
C ILE A 63 12.34 13.12 2.23
N ALA A 64 12.30 11.78 2.27
CA ALA A 64 11.58 11.09 3.33
C ALA A 64 12.05 9.67 3.44
N ALA A 65 11.85 9.06 4.59
CA ALA A 65 12.25 7.70 4.83
C ALA A 65 11.05 6.93 5.41
N GLY A 66 11.00 5.64 5.14
CA GLY A 66 9.95 4.78 5.66
C GLY A 66 10.54 3.44 6.06
N THR A 67 9.83 2.73 6.95
CA THR A 67 10.28 1.38 7.31
C THR A 67 9.06 0.48 7.43
N ASN A 68 9.26 -0.84 7.46
CA ASN A 68 8.13 -1.75 7.63
CA ASN A 68 8.11 -1.74 7.65
C ASN A 68 7.56 -1.62 9.05
N ARG A 69 6.30 -1.21 9.14
CA ARG A 69 5.60 -1.08 10.42
C ARG A 69 4.33 -1.95 10.41
N VAL A 70 4.34 -3.00 9.59
CA VAL A 70 3.13 -3.83 9.40
C VAL A 70 2.58 -4.42 10.69
N VAL A 71 3.43 -5.15 11.43
CA VAL A 71 2.92 -5.86 12.60
C VAL A 71 2.67 -4.88 13.77
N PRO A 72 3.68 -4.09 14.18
CA PRO A 72 3.41 -3.16 15.28
C PRO A 72 2.39 -2.07 14.94
N GLY A 73 2.32 -1.67 13.66
CA GLY A 73 1.35 -0.65 13.29
C GLY A 73 -0.02 -1.22 12.92
N ARG A 74 -0.17 -2.53 12.93
CA ARG A 74 -1.48 -3.15 12.63
C ARG A 74 -1.99 -2.69 11.26
N CYS A 75 -1.14 -2.78 10.25
CA CYS A 75 -1.47 -2.23 8.92
C CYS A 75 -0.68 -2.99 7.87
N SER A 76 -1.35 -3.88 7.12
CA SER A 76 -0.61 -4.72 6.18
C SER A 76 -0.04 -3.89 5.04
N ALA A 77 -0.57 -2.69 4.81
CA ALA A 77 -0.03 -1.81 3.72
C ALA A 77 1.21 -1.05 4.13
N ALA A 78 1.59 -1.12 5.42
CA ALA A 78 2.67 -0.26 5.95
C ALA A 78 4.06 -0.86 5.65
N HIS A 79 4.27 -1.19 4.38
CA HIS A 79 5.61 -1.54 3.92
C HIS A 79 6.47 -0.31 3.83
N ALA A 80 7.78 -0.54 3.91
CA ALA A 80 8.75 0.56 3.89
C ALA A 80 8.56 1.51 2.69
N GLU A 81 8.32 0.90 1.52
CA GLU A 81 8.21 1.69 0.29
C GLU A 81 6.95 2.58 0.32
N ILE A 82 5.84 2.04 0.81
CA ILE A 82 4.60 2.79 0.88
C ILE A 82 4.77 3.98 1.80
N LEU A 83 5.42 3.75 2.98
CA LEU A 83 5.61 4.86 3.88
C LEU A 83 6.55 5.90 3.29
N ALA A 84 7.68 5.47 2.68
CA ALA A 84 8.62 6.47 2.17
C ALA A 84 7.98 7.29 1.06
N LEU A 85 7.33 6.62 0.10
CA LEU A 85 6.75 7.37 -1.01
C LEU A 85 5.65 8.30 -0.52
N SER A 86 4.82 7.81 0.41
CA SER A 86 3.71 8.63 0.86
C SER A 86 4.16 9.80 1.74
N LEU A 87 5.18 9.57 2.57
CA LEU A 87 5.70 10.66 3.38
C LEU A 87 6.36 11.72 2.49
N ALA A 88 7.06 11.27 1.44
CA ALA A 88 7.65 12.25 0.49
C ALA A 88 6.58 13.10 -0.20
N GLN A 89 5.51 12.44 -0.66
CA GLN A 89 4.39 13.15 -1.29
C GLN A 89 3.78 14.15 -0.32
N ALA A 90 3.60 13.77 0.94
CA ALA A 90 2.97 14.68 1.91
C ALA A 90 3.86 15.91 2.11
N LYS A 91 5.18 15.68 2.18
CA LYS A 91 6.13 16.77 2.43
C LYS A 91 6.18 17.72 1.23
N LEU A 92 6.15 17.15 0.03
CA LEU A 92 6.23 17.96 -1.20
C LEU A 92 4.83 18.46 -1.64
N ASP A 93 3.79 18.07 -0.91
CA ASP A 93 2.43 18.53 -1.18
C ASP A 93 1.92 18.18 -2.58
N THR A 94 2.15 16.93 -2.98
CA THR A 94 1.59 16.45 -4.21
C THR A 94 1.55 14.93 -4.22
N HIS A 95 0.53 14.39 -4.87
CA HIS A 95 0.46 12.96 -5.09
C HIS A 95 1.40 12.44 -6.20
N ASP A 96 2.04 13.33 -6.95
CA ASP A 96 2.82 12.95 -8.10
C ASP A 96 4.25 13.50 -7.91
N LEU A 97 5.20 12.61 -7.64
CA LEU A 97 6.58 13.07 -7.41
C LEU A 97 7.26 13.50 -8.75
N SER A 98 6.57 13.36 -9.87
CA SER A 98 7.11 13.91 -11.12
C SER A 98 6.35 15.16 -11.56
N ALA A 99 5.56 15.73 -10.65
CA ALA A 99 4.80 16.98 -10.99
C ALA A 99 5.76 18.03 -11.53
N ASP A 100 5.28 18.88 -12.44
CA ASP A 100 6.21 19.86 -13.03
CA ASP A 100 6.13 19.92 -13.02
C ASP A 100 6.80 20.76 -11.95
N GLY A 101 8.11 20.99 -12.07
CA GLY A 101 8.80 21.79 -11.08
C GLY A 101 9.50 20.97 -10.01
N LEU A 102 9.10 19.71 -9.86
CA LEU A 102 9.75 18.91 -8.82
C LEU A 102 11.04 18.31 -9.35
N PRO A 103 12.00 18.10 -8.44
CA PRO A 103 13.21 17.40 -8.79
C PRO A 103 12.83 15.93 -9.09
N ALA A 104 13.57 15.30 -9.99
CA ALA A 104 13.41 13.85 -10.18
C ALA A 104 13.71 13.16 -8.84
N CYS A 105 12.84 12.21 -8.50
CA CYS A 105 12.96 11.48 -7.22
C CYS A 105 13.39 10.05 -7.44
N GLU A 106 14.12 9.51 -6.47
CA GLU A 106 14.58 8.12 -6.50
C GLU A 106 14.14 7.42 -5.22
N LEU A 107 13.66 6.18 -5.36
CA LEU A 107 13.41 5.36 -4.17
C LEU A 107 14.54 4.37 -3.99
N VAL A 108 15.22 4.49 -2.83
CA VAL A 108 16.32 3.60 -2.48
C VAL A 108 15.76 2.66 -1.41
N THR A 109 15.80 1.36 -1.70
CA THR A 109 15.09 0.44 -0.84
CA THR A 109 15.07 0.36 -0.87
C THR A 109 15.95 -0.79 -0.47
N SER A 110 15.73 -1.30 0.75
CA SER A 110 16.62 -2.34 1.27
C SER A 110 16.43 -3.69 0.57
N ALA A 111 15.33 -3.86 -0.15
CA ALA A 111 15.05 -5.11 -0.83
C ALA A 111 14.15 -4.84 -2.04
N GLU A 112 14.16 -5.76 -3.01
CA GLU A 112 13.27 -5.60 -4.17
C GLU A 112 11.81 -5.57 -3.68
N PRO A 113 10.96 -4.77 -4.37
CA PRO A 113 9.58 -4.58 -3.91
C PRO A 113 8.67 -5.76 -4.15
N CYS A 114 7.72 -5.94 -3.22
CA CYS A 114 6.65 -6.90 -3.43
C CYS A 114 5.71 -6.37 -4.50
N VAL A 115 4.71 -7.17 -4.87
CA VAL A 115 3.79 -6.75 -5.94
C VAL A 115 3.01 -5.48 -5.57
N MET A 116 2.58 -5.34 -4.31
CA MET A 116 1.92 -4.11 -3.89
C MET A 116 2.84 -2.89 -4.09
N CYS A 117 4.07 -2.98 -3.60
CA CYS A 117 4.98 -1.84 -3.66
C CYS A 117 5.45 -1.57 -5.09
N PHE A 118 5.56 -2.63 -5.89
CA PHE A 118 5.81 -2.47 -7.31
C PHE A 118 4.76 -1.55 -7.93
N GLY A 119 3.47 -1.81 -7.66
CA GLY A 119 2.44 -0.91 -8.19
C GLY A 119 2.58 0.50 -7.61
N ALA A 120 2.87 0.60 -6.29
CA ALA A 120 2.99 1.92 -5.68
C ALA A 120 4.14 2.71 -6.33
N VAL A 121 5.24 2.04 -6.67
CA VAL A 121 6.36 2.73 -7.33
C VAL A 121 5.89 3.33 -8.67
N ILE A 122 5.16 2.53 -9.44
CA ILE A 122 4.64 3.03 -10.73
C ILE A 122 3.78 4.27 -10.56
N TRP A 123 2.87 4.24 -9.58
CA TRP A 123 1.93 5.37 -9.44
C TRP A 123 2.60 6.60 -8.82
N SER A 124 3.76 6.43 -8.19
CA SER A 124 4.28 7.48 -7.30
C SER A 124 4.86 8.67 -7.98
N GLY A 125 5.39 8.47 -9.19
CA GLY A 125 6.13 9.51 -9.87
C GLY A 125 7.65 9.43 -9.70
N VAL A 126 8.17 8.51 -8.86
CA VAL A 126 9.64 8.39 -8.82
C VAL A 126 10.15 7.95 -10.19
N ARG A 127 11.40 8.33 -10.50
CA ARG A 127 11.97 8.00 -11.80
C ARG A 127 13.13 7.01 -11.72
N SER A 128 13.44 6.56 -10.50
CA SER A 128 14.55 5.62 -10.29
C SER A 128 14.24 4.78 -9.06
N LEU A 129 14.56 3.50 -9.18
CA LEU A 129 14.41 2.53 -8.07
C LEU A 129 15.77 1.87 -7.88
N VAL A 130 16.25 1.82 -6.64
CA VAL A 130 17.59 1.26 -6.38
C VAL A 130 17.41 0.30 -5.19
N CYS A 131 17.71 -0.99 -5.38
CA CYS A 131 17.44 -2.04 -4.34
C CYS A 131 18.72 -2.69 -3.87
N ALA A 132 18.69 -3.21 -2.62
CA ALA A 132 19.83 -3.96 -2.10
C ALA A 132 19.58 -5.47 -2.21
N ALA A 133 18.82 -6.04 -1.26
CA ALA A 133 18.60 -7.51 -1.29
C ALA A 133 17.73 -7.90 -2.49
N ARG A 134 17.99 -9.08 -3.05
CA ARG A 134 17.20 -9.57 -4.15
C ARG A 134 15.94 -10.30 -3.67
N SER A 135 14.99 -10.51 -4.57
CA SER A 135 13.77 -11.20 -4.21
C SER A 135 14.04 -12.58 -3.62
N ASP A 136 15.03 -13.27 -4.16
CA ASP A 136 15.33 -14.61 -3.63
C ASP A 136 15.86 -14.58 -2.20
N ASP A 137 16.57 -13.49 -1.86
CA ASP A 137 17.14 -13.33 -0.53
C ASP A 137 16.04 -13.17 0.51
N VAL A 138 14.98 -12.46 0.13
CA VAL A 138 13.96 -12.19 1.10
CA VAL A 138 13.85 -12.13 0.98
C VAL A 138 13.03 -13.38 1.20
N GLU A 139 12.78 -14.07 0.08
CA GLU A 139 11.93 -15.25 0.10
C GLU A 139 12.60 -16.38 0.91
N ALA A 140 13.93 -16.37 0.98
CA ALA A 140 14.68 -17.39 1.77
C ALA A 140 14.52 -17.26 3.28
N ILE A 141 14.21 -16.07 3.80
CA ILE A 141 13.88 -15.93 5.23
C ILE A 141 12.37 -15.89 5.49
N GLY A 142 11.58 -16.27 4.50
CA GLY A 142 10.14 -16.43 4.71
C GLY A 142 9.27 -15.25 4.34
N PHE A 143 9.84 -14.22 3.73
CA PHE A 143 8.96 -13.20 3.28
CA PHE A 143 9.05 -13.05 3.24
C PHE A 143 8.52 -13.63 1.90
C PHE A 143 8.66 -13.09 1.75
N ASP A 144 7.36 -13.14 1.49
CA ASP A 144 6.81 -13.42 0.18
C ASP A 144 6.77 -12.12 -0.60
N GLU A 145 7.27 -12.14 -1.84
CA GLU A 145 7.12 -10.96 -2.74
C GLU A 145 5.77 -10.93 -3.46
N GLY A 146 5.06 -12.06 -3.46
CA GLY A 146 3.78 -12.13 -4.12
C GLY A 146 3.95 -12.21 -5.62
N PRO A 147 2.83 -12.35 -6.32
CA PRO A 147 2.83 -12.55 -7.76
C PRO A 147 3.05 -11.24 -8.54
N ARG A 148 4.30 -10.84 -8.73
CA ARG A 148 4.62 -9.70 -9.65
C ARG A 148 4.46 -10.20 -11.07
N PRO A 149 4.20 -9.28 -12.01
CA PRO A 149 4.17 -9.73 -13.42
C PRO A 149 5.54 -10.21 -13.86
N GLU A 150 5.55 -10.99 -14.94
CA GLU A 150 6.80 -11.40 -15.58
CA GLU A 150 6.80 -11.40 -15.57
C GLU A 150 7.55 -10.13 -16.00
N ASN A 151 8.87 -10.16 -15.84
CA ASN A 151 9.75 -9.05 -16.17
C ASN A 151 9.25 -7.74 -15.58
N TRP A 152 8.95 -7.77 -14.28
CA TRP A 152 8.57 -6.56 -13.59
C TRP A 152 9.65 -5.48 -13.68
N MET A 153 10.93 -5.87 -13.71
CA MET A 153 11.98 -4.83 -13.82
C MET A 153 11.88 -4.10 -15.18
N GLY A 154 11.66 -4.89 -16.24
CA GLY A 154 11.51 -4.32 -17.58
C GLY A 154 10.28 -3.45 -17.64
N GLY A 155 9.23 -3.84 -16.91
CA GLY A 155 8.03 -3.03 -16.84
C GLY A 155 8.26 -1.63 -16.24
N LEU A 156 9.05 -1.57 -15.17
CA LEU A 156 9.47 -0.29 -14.62
C LEU A 156 10.28 0.49 -15.64
N GLU A 157 11.32 -0.15 -16.22
CA GLU A 157 12.22 0.55 -17.16
CA GLU A 157 12.21 0.50 -17.19
C GLU A 157 11.43 1.14 -18.34
N ALA A 158 10.44 0.39 -18.84
CA ALA A 158 9.65 0.86 -20.00
C ALA A 158 8.86 2.14 -19.65
N ARG A 159 8.55 2.29 -18.36
CA ARG A 159 7.85 3.48 -17.90
CA ARG A 159 7.86 3.47 -17.86
C ARG A 159 8.79 4.61 -17.49
N GLY A 160 10.06 4.51 -17.90
CA GLY A 160 11.02 5.55 -17.58
C GLY A 160 11.44 5.55 -16.12
N ILE A 161 11.32 4.40 -15.46
CA ILE A 161 11.80 4.26 -14.07
C ILE A 161 13.01 3.33 -14.10
N THR A 162 14.21 3.90 -13.94
CA THR A 162 15.40 3.06 -14.02
C THR A 162 15.40 2.09 -12.81
N VAL A 163 16.03 0.92 -12.99
CA VAL A 163 16.11 -0.07 -11.93
C VAL A 163 17.56 -0.52 -11.78
N THR A 164 17.98 -0.56 -10.53
CA THR A 164 19.28 -1.06 -10.13
C THR A 164 19.02 -1.99 -8.94
N THR A 165 19.70 -3.12 -8.89
CA THR A 165 19.54 -4.02 -7.74
C THR A 165 20.87 -4.62 -7.30
N GLY A 166 20.91 -5.15 -6.08
CA GLY A 166 22.14 -5.74 -5.55
C GLY A 166 23.10 -4.76 -4.90
N LEU A 167 22.67 -3.51 -4.69
CA LEU A 167 23.58 -2.51 -4.17
C LEU A 167 23.72 -2.71 -2.66
N LEU A 168 24.97 -2.92 -2.18
CA LEU A 168 25.20 -3.30 -0.76
C LEU A 168 24.37 -4.54 -0.36
N ARG A 169 24.20 -5.45 -1.31
CA ARG A 169 23.48 -6.68 -1.04
C ARG A 169 24.05 -7.45 0.15
N ASP A 170 25.40 -7.50 0.28
CA ASP A 170 25.96 -8.32 1.34
C ASP A 170 25.56 -7.83 2.72
N ALA A 171 25.60 -6.51 2.92
CA ALA A 171 25.17 -5.94 4.19
C ALA A 171 23.67 -6.14 4.40
N ALA A 172 22.86 -5.95 3.34
CA ALA A 172 21.43 -6.19 3.49
C ALA A 172 21.17 -7.63 3.89
N CYS A 173 21.90 -8.59 3.28
CA CYS A 173 21.71 -9.99 3.63
C CYS A 173 22.07 -10.27 5.07
N ALA A 174 23.15 -9.64 5.53
CA ALA A 174 23.57 -9.81 6.93
C ALA A 174 22.44 -9.34 7.85
N LEU A 175 21.80 -8.21 7.54
CA LEU A 175 20.70 -7.74 8.39
C LEU A 175 19.47 -8.67 8.36
N LEU A 176 19.16 -9.21 7.18
CA LEU A 176 18.01 -10.14 7.07
C LEU A 176 18.29 -11.38 7.93
N ARG A 177 19.53 -11.86 7.91
CA ARG A 177 19.84 -13.10 8.68
C ARG A 177 19.71 -12.79 10.17
N GLU A 178 20.12 -11.59 10.57
CA GLU A 178 20.06 -11.12 11.97
CA GLU A 178 20.06 -11.26 11.99
C GLU A 178 18.63 -11.04 12.49
N TYR A 179 17.73 -10.54 11.65
CA TYR A 179 16.35 -10.46 11.99
C TYR A 179 15.81 -11.88 12.20
N ASN A 180 16.17 -12.78 11.29
CA ASN A 180 15.69 -14.15 11.33
C ASN A 180 16.14 -14.89 12.59
N ALA A 181 17.35 -14.60 13.06
CA ALA A 181 17.90 -15.27 14.27
C ALA A 181 17.28 -14.77 15.55
N CYS A 182 16.71 -13.56 15.53
CA CYS A 182 16.15 -12.94 16.73
C CYS A 182 14.61 -12.81 16.77
N ASN A 183 13.89 -13.31 15.77
CA ASN A 183 12.45 -13.04 15.68
CA ASN A 183 12.45 -13.04 15.69
C ASN A 183 11.54 -14.01 16.46
N GLY A 184 12.14 -14.92 17.21
CA GLY A 184 11.38 -15.96 17.93
C GLY A 184 10.98 -15.52 19.32
N VAL A 185 10.23 -16.37 20.01
CA VAL A 185 9.70 -16.01 21.32
C VAL A 185 10.63 -16.28 22.50
N ILE A 186 11.55 -17.21 22.40
CA ILE A 186 12.41 -17.54 23.53
CA ILE A 186 12.31 -17.46 23.60
C ILE A 186 13.41 -16.42 23.75
N TYR A 187 13.45 -15.87 24.96
CA TYR A 187 14.33 -14.77 25.28
C TYR A 187 15.76 -15.12 24.94
N ASN A 188 16.39 -14.19 24.26
CA ASN A 188 17.82 -14.29 23.96
C ASN A 188 18.37 -12.90 24.21
N ALA A 189 19.10 -12.75 25.32
CA ALA A 189 19.58 -11.44 25.71
C ALA A 189 20.53 -10.85 24.69
N ARG A 190 21.14 -11.72 23.87
CA ARG A 190 22.02 -11.25 22.79
C ARG A 190 21.26 -10.45 21.74
N CYS A 191 19.96 -10.66 21.66
CA CYS A 191 19.10 -9.88 20.75
C CYS A 191 18.69 -8.59 21.44
N GLY B 1 -2.97 15.08 6.50
CA GLY B 1 -1.97 15.92 5.77
C GLY B 1 -0.56 15.68 6.30
N HIS B 2 0.37 16.57 5.94
CA HIS B 2 1.78 16.41 6.40
C HIS B 2 1.92 16.51 7.92
N MET B 3 2.58 15.51 8.53
CA MET B 3 2.85 15.50 9.97
C MET B 3 4.26 14.98 10.18
N ASN B 4 5.00 15.53 11.15
CA ASN B 4 6.37 15.05 11.35
C ASN B 4 6.46 13.62 11.86
N ASP B 5 5.44 13.17 12.59
CA ASP B 5 5.52 11.88 13.27
C ASP B 5 4.49 10.85 12.83
N ALA B 6 3.91 11.02 11.62
CA ALA B 6 2.95 10.03 11.12
C ALA B 6 2.70 10.22 9.65
N LEU B 7 2.29 9.14 9.00
CA LEU B 7 1.56 9.24 7.74
C LEU B 7 0.09 9.35 8.11
N HIS B 8 -0.55 10.43 7.66
CA HIS B 8 -1.90 10.76 8.10
C HIS B 8 -2.77 11.16 6.93
N ILE B 9 -3.74 10.29 6.61
CA ILE B 9 -4.65 10.55 5.51
CA ILE B 9 -4.67 10.51 5.51
C ILE B 9 -6.02 10.84 6.13
N GLY B 10 -6.42 12.11 6.07
CA GLY B 10 -7.71 12.50 6.65
C GLY B 10 -8.85 11.98 5.77
N LEU B 11 -10.00 11.82 6.40
CA LEU B 11 -11.20 11.36 5.73
C LEU B 11 -12.23 12.52 5.64
N PRO B 12 -12.88 12.69 4.48
CA PRO B 12 -13.97 13.69 4.39
C PRO B 12 -15.16 13.30 5.26
N PRO B 13 -16.03 14.26 5.60
CA PRO B 13 -17.14 13.98 6.50
C PRO B 13 -17.97 12.75 6.14
N PHE B 14 -18.33 12.55 4.86
CA PHE B 14 -19.19 11.40 4.56
C PHE B 14 -18.47 10.11 4.90
N LEU B 15 -17.15 10.12 4.82
CA LEU B 15 -16.38 8.92 5.00
C LEU B 15 -16.11 8.68 6.50
N VAL B 16 -15.97 9.77 7.29
CA VAL B 16 -15.94 9.59 8.76
C VAL B 16 -17.27 8.99 9.21
N GLN B 17 -18.37 9.52 8.67
CA GLN B 17 -19.68 8.99 9.04
C GLN B 17 -19.81 7.50 8.63
N ALA B 18 -19.36 7.13 7.42
CA ALA B 18 -19.41 5.76 6.95
C ALA B 18 -18.65 4.80 7.89
N ASN B 19 -17.54 5.29 8.44
CA ASN B 19 -16.67 4.45 9.26
C ASN B 19 -17.13 4.40 10.72
N ASN B 20 -18.14 5.19 11.08
CA ASN B 20 -18.55 5.25 12.51
C ASN B 20 -20.05 4.86 12.69
C ASN B 20 -20.05 5.15 12.75
N GLU B 21 -20.87 5.11 11.68
N GLU B 21 -20.76 4.77 11.70
CA GLU B 21 -22.29 4.67 11.71
CA GLU B 21 -22.23 4.63 11.81
C GLU B 21 -22.47 3.13 11.71
N PRO B 22 -23.26 2.59 12.64
CA PRO B 22 -23.52 1.16 12.59
C PRO B 22 -24.27 0.75 11.32
N ARG B 23 -23.86 -0.34 10.66
CA ARG B 23 -24.47 -0.73 9.40
C ARG B 23 -24.28 -2.21 9.15
N VAL B 24 -25.37 -2.95 9.01
CA VAL B 24 -25.35 -4.35 8.69
C VAL B 24 -26.12 -4.53 7.37
N LEU B 25 -25.46 -5.04 6.32
CA LEU B 25 -26.05 -5.19 4.97
C LEU B 25 -25.85 -6.64 4.54
N ALA B 26 -26.87 -7.47 4.74
CA ALA B 26 -26.67 -8.90 4.55
C ALA B 26 -26.44 -9.29 3.08
N ALA B 27 -27.28 -8.79 2.16
CA ALA B 27 -27.20 -9.19 0.76
C ALA B 27 -25.98 -8.62 0.00
N PRO B 28 -25.36 -9.41 -0.90
CA PRO B 28 -24.23 -8.88 -1.71
C PRO B 28 -24.60 -7.56 -2.39
N GLU B 29 -25.78 -7.46 -3.00
CA GLU B 29 -26.10 -6.23 -3.75
C GLU B 29 -26.37 -5.07 -2.82
N ALA B 30 -26.80 -5.37 -1.59
CA ALA B 30 -26.95 -4.29 -0.62
C ALA B 30 -25.58 -3.70 -0.24
N ARG B 31 -24.59 -4.58 -0.04
CA ARG B 31 -23.23 -4.13 0.27
C ARG B 31 -22.71 -3.31 -0.90
N MET B 32 -22.88 -3.79 -2.13
CA MET B 32 -22.35 -3.03 -3.30
C MET B 32 -23.12 -1.74 -3.51
N GLY B 33 -24.43 -1.76 -3.29
CA GLY B 33 -25.17 -0.52 -3.44
C GLY B 33 -24.64 0.56 -2.52
N TYR B 34 -24.34 0.21 -1.27
CA TYR B 34 -23.78 1.17 -0.34
C TYR B 34 -22.40 1.68 -0.81
N VAL B 35 -21.56 0.76 -1.27
CA VAL B 35 -20.26 1.15 -1.82
C VAL B 35 -20.44 2.16 -2.99
N LEU B 36 -21.47 1.94 -3.82
CA LEU B 36 -21.73 2.90 -4.91
C LEU B 36 -22.19 4.27 -4.41
N GLU B 37 -22.95 4.30 -3.31
CA GLU B 37 -23.28 5.59 -2.69
C GLU B 37 -22.01 6.33 -2.29
N LEU B 38 -21.02 5.58 -1.79
CA LEU B 38 -19.76 6.18 -1.39
C LEU B 38 -18.98 6.74 -2.59
N VAL B 39 -19.08 6.05 -3.74
CA VAL B 39 -18.46 6.56 -4.97
C VAL B 39 -19.01 7.95 -5.28
N ARG B 40 -20.35 8.09 -5.29
CA ARG B 40 -20.92 9.38 -5.64
C ARG B 40 -20.56 10.47 -4.61
N ALA B 41 -20.61 10.13 -3.33
CA ALA B 41 -20.22 11.08 -2.29
C ALA B 41 -18.74 11.50 -2.43
N ASN B 42 -17.92 10.55 -2.83
CA ASN B 42 -16.49 10.84 -2.92
C ASN B 42 -16.20 11.82 -4.03
N ILE B 43 -16.94 11.66 -5.13
CA ILE B 43 -16.75 12.56 -6.29
C ILE B 43 -17.13 13.98 -5.87
N ALA B 44 -18.23 14.10 -5.12
CA ALA B 44 -18.68 15.39 -4.62
C ALA B 44 -17.63 16.00 -3.68
N ALA B 45 -16.85 15.13 -3.02
CA ALA B 45 -15.80 15.56 -2.10
C ALA B 45 -14.41 15.53 -2.77
N ASP B 46 -14.38 15.78 -4.08
CA ASP B 46 -13.13 16.06 -4.80
C ASP B 46 -12.20 14.87 -4.96
N GLY B 47 -12.74 13.67 -4.78
CA GLY B 47 -11.94 12.45 -4.96
C GLY B 47 -12.30 11.69 -6.23
N GLY B 48 -11.55 10.62 -6.49
CA GLY B 48 -11.79 9.82 -7.70
C GLY B 48 -13.02 8.93 -7.57
N PRO B 49 -13.49 8.39 -8.68
CA PRO B 49 -14.78 7.70 -8.70
C PRO B 49 -14.68 6.25 -8.28
N PHE B 50 -14.12 6.03 -7.08
CA PHE B 50 -13.87 4.67 -6.60
C PHE B 50 -14.07 4.61 -5.09
N ALA B 51 -14.71 3.53 -4.64
CA ALA B 51 -14.94 3.30 -3.21
C ALA B 51 -14.87 1.81 -2.95
N ALA B 52 -14.64 1.48 -1.68
CA ALA B 52 -14.60 0.07 -1.24
C ALA B 52 -14.96 -0.01 0.24
N ALA B 53 -15.37 -1.20 0.70
CA ALA B 53 -15.64 -1.34 2.11
C ALA B 53 -15.36 -2.76 2.50
N VAL B 54 -14.92 -2.93 3.76
CA VAL B 54 -14.71 -4.27 4.31
C VAL B 54 -15.94 -4.60 5.15
N PHE B 55 -16.51 -5.77 4.87
CA PHE B 55 -17.67 -6.29 5.60
C PHE B 55 -17.27 -7.62 6.21
N GLU B 56 -17.91 -7.99 7.33
CA GLU B 56 -17.90 -9.38 7.74
CA GLU B 56 -17.83 -9.43 7.70
C GLU B 56 -18.61 -10.18 6.67
N ARG B 57 -17.96 -11.21 6.15
CA ARG B 57 -18.47 -11.92 4.98
C ARG B 57 -19.88 -12.48 5.18
N ASP B 58 -20.12 -13.11 6.32
CA ASP B 58 -21.40 -13.75 6.51
C ASP B 58 -22.55 -12.82 6.97
N SER B 59 -22.33 -12.03 8.02
CA SER B 59 -23.36 -11.14 8.54
C SER B 59 -23.58 -9.90 7.69
N GLY B 60 -22.53 -9.40 7.04
CA GLY B 60 -22.68 -8.12 6.36
C GLY B 60 -22.46 -6.92 7.26
N LEU B 61 -21.92 -7.13 8.46
CA LEU B 61 -21.54 -5.98 9.30
C LEU B 61 -20.46 -5.18 8.57
N LEU B 62 -20.69 -3.88 8.42
CA LEU B 62 -19.66 -3.00 7.87
CA LEU B 62 -19.64 -3.02 7.85
C LEU B 62 -18.57 -2.77 8.90
N ILE B 63 -17.31 -3.05 8.53
CA ILE B 63 -16.17 -2.82 9.41
C ILE B 63 -15.49 -1.49 9.08
N ALA B 64 -15.20 -1.22 7.80
CA ALA B 64 -14.59 0.05 7.44
C ALA B 64 -14.85 0.34 5.98
N ALA B 65 -14.71 1.60 5.60
CA ALA B 65 -14.93 2.02 4.21
C ALA B 65 -13.77 2.93 3.80
N GLY B 66 -13.47 2.91 2.50
CA GLY B 66 -12.41 3.77 1.97
C GLY B 66 -12.85 4.28 0.59
N THR B 67 -12.25 5.38 0.16
CA THR B 67 -12.50 5.89 -1.19
C THR B 67 -11.17 6.42 -1.73
N ASN B 68 -11.14 6.72 -3.02
CA ASN B 68 -9.94 7.27 -3.62
CA ASN B 68 -9.91 7.30 -3.59
C ASN B 68 -9.72 8.71 -3.10
N ARG B 69 -8.61 8.94 -2.40
CA ARG B 69 -8.30 10.27 -1.86
C ARG B 69 -6.95 10.72 -2.39
N VAL B 70 -6.56 10.21 -3.56
CA VAL B 70 -5.19 10.42 -4.06
C VAL B 70 -4.88 11.93 -4.23
N VAL B 71 -5.76 12.65 -4.96
CA VAL B 71 -5.43 14.06 -5.23
C VAL B 71 -5.62 14.94 -4.00
N PRO B 72 -6.83 14.93 -3.39
CA PRO B 72 -6.98 15.80 -2.21
C PRO B 72 -6.08 15.39 -1.05
N GLY B 73 -5.69 14.11 -0.98
CA GLY B 73 -4.85 13.64 0.11
C GLY B 73 -3.37 13.73 -0.18
N ARG B 74 -3.00 14.17 -1.40
CA ARG B 74 -1.60 14.22 -1.80
C ARG B 74 -0.89 12.86 -1.54
N CYS B 75 -1.49 11.78 -2.03
CA CYS B 75 -0.97 10.44 -1.66
C CYS B 75 -1.37 9.45 -2.74
N SER B 76 -0.41 9.04 -3.56
CA SER B 76 -0.75 8.12 -4.64
C SER B 76 -1.17 6.72 -4.18
N ALA B 77 -0.82 6.36 -2.94
CA ALA B 77 -1.25 5.05 -2.40
C ALA B 77 -2.68 5.10 -1.85
N ALA B 78 -3.33 6.28 -1.80
CA ALA B 78 -4.63 6.41 -1.15
C ALA B 78 -5.78 5.98 -2.06
N HIS B 79 -5.65 4.78 -2.61
CA HIS B 79 -6.77 4.15 -3.33
C HIS B 79 -7.81 3.66 -2.33
N ALA B 80 -9.04 3.50 -2.83
CA ALA B 80 -10.16 3.07 -1.98
C ALA B 80 -9.82 1.81 -1.21
N GLU B 81 -9.23 0.85 -1.92
CA GLU B 81 -8.96 -0.48 -1.30
C GLU B 81 -7.97 -0.37 -0.15
N ILE B 82 -6.91 0.41 -0.37
CA ILE B 82 -5.90 0.57 0.67
C ILE B 82 -6.51 1.21 1.90
N LEU B 83 -7.33 2.24 1.72
CA LEU B 83 -7.94 2.90 2.86
CA LEU B 83 -7.92 2.90 2.85
C LEU B 83 -8.90 1.95 3.58
N ALA B 84 -9.72 1.23 2.82
CA ALA B 84 -10.72 0.35 3.46
C ALA B 84 -10.04 -0.76 4.26
N LEU B 85 -9.05 -1.42 3.63
CA LEU B 85 -8.37 -2.53 4.31
C LEU B 85 -7.63 -2.01 5.53
N SER B 86 -6.95 -0.87 5.41
CA SER B 86 -6.15 -0.37 6.50
C SER B 86 -7.03 0.13 7.66
N LEU B 87 -8.14 0.78 7.33
CA LEU B 87 -9.00 1.25 8.40
C LEU B 87 -9.65 0.04 9.10
N ALA B 88 -9.95 -1.03 8.35
CA ALA B 88 -10.52 -2.23 9.00
C ALA B 88 -9.50 -2.85 9.97
N GLN B 89 -8.25 -2.99 9.50
CA GLN B 89 -7.18 -3.53 10.37
C GLN B 89 -6.98 -2.71 11.63
N ALA B 90 -7.04 -1.37 11.51
CA ALA B 90 -6.90 -0.52 12.69
C ALA B 90 -8.04 -0.78 13.67
N LYS B 91 -9.25 -0.92 13.14
CA LYS B 91 -10.44 -1.10 14.00
C LYS B 91 -10.36 -2.43 14.74
N LEU B 92 -9.88 -3.47 14.03
CA LEU B 92 -9.86 -4.85 14.56
C LEU B 92 -8.53 -5.18 15.25
N ASP B 93 -7.60 -4.21 15.28
CA ASP B 93 -6.34 -4.33 16.06
C ASP B 93 -5.41 -5.40 15.52
N THR B 94 -5.35 -5.55 14.21
CA THR B 94 -4.41 -6.52 13.64
C THR B 94 -4.13 -6.24 12.18
N HIS B 95 -2.89 -6.48 11.76
CA HIS B 95 -2.56 -6.36 10.34
C HIS B 95 -3.18 -7.46 9.51
N ASP B 96 -3.69 -8.53 10.18
CA ASP B 96 -4.04 -9.72 9.45
C ASP B 96 -5.52 -10.01 9.69
N LEU B 97 -6.34 -9.71 8.69
CA LEU B 97 -7.78 -9.91 8.85
C LEU B 97 -8.20 -11.39 8.90
N SER B 98 -7.23 -12.29 8.70
CA SER B 98 -7.48 -13.73 8.85
CA SER B 98 -7.45 -13.73 8.85
C SER B 98 -6.96 -14.29 10.17
N ALA B 99 -6.54 -13.39 11.09
CA ALA B 99 -6.03 -13.82 12.42
C ALA B 99 -7.09 -14.65 13.14
N ASP B 100 -6.61 -15.55 14.00
CA ASP B 100 -7.50 -16.42 14.78
C ASP B 100 -8.43 -15.57 15.61
N GLY B 101 -9.73 -15.88 15.56
CA GLY B 101 -10.70 -15.17 16.35
C GLY B 101 -11.37 -14.01 15.63
N LEU B 102 -10.88 -13.67 14.45
CA LEU B 102 -11.54 -12.64 13.64
C LEU B 102 -12.56 -13.33 12.72
N PRO B 103 -13.80 -12.80 12.60
N PRO B 103 -13.55 -12.53 12.29
CA PRO B 103 -14.61 -13.44 11.52
CA PRO B 103 -14.54 -12.96 11.32
C PRO B 103 -14.07 -13.11 10.11
C PRO B 103 -13.87 -13.09 9.97
N ALA B 104 -14.40 -13.96 9.13
CA ALA B 104 -14.00 -13.86 7.72
C ALA B 104 -14.43 -12.51 7.18
N CYS B 105 -13.49 -11.82 6.54
CA CYS B 105 -13.74 -10.46 6.00
C CYS B 105 -13.79 -10.47 4.49
N GLU B 106 -14.58 -9.55 3.95
CA GLU B 106 -14.75 -9.46 2.51
C GLU B 106 -14.51 -8.00 2.10
N LEU B 107 -13.80 -7.80 0.99
CA LEU B 107 -13.67 -6.43 0.44
C LEU B 107 -14.60 -6.30 -0.74
N VAL B 108 -15.54 -5.35 -0.61
CA VAL B 108 -16.53 -5.08 -1.66
C VAL B 108 -16.09 -3.78 -2.30
N THR B 109 -15.80 -3.83 -3.59
CA THR B 109 -15.11 -2.73 -4.25
C THR B 109 -15.82 -2.29 -5.55
N SER B 110 -15.85 -0.97 -5.81
CA SER B 110 -16.60 -0.47 -6.96
C SER B 110 -16.01 -0.88 -8.31
N ALA B 111 -14.76 -1.29 -8.33
CA ALA B 111 -14.07 -1.67 -9.58
C ALA B 111 -12.94 -2.65 -9.30
N GLU B 112 -12.58 -3.45 -10.31
CA GLU B 112 -11.47 -4.37 -10.11
C GLU B 112 -10.18 -3.62 -9.71
N PRO B 113 -9.36 -4.26 -8.86
CA PRO B 113 -8.18 -3.55 -8.34
C PRO B 113 -7.01 -3.38 -9.31
N CYS B 114 -6.29 -2.28 -9.12
CA CYS B 114 -5.04 -2.06 -9.83
C CYS B 114 -3.96 -2.98 -9.26
N VAL B 115 -2.78 -3.04 -9.90
CA VAL B 115 -1.76 -3.95 -9.41
C VAL B 115 -1.32 -3.68 -7.97
N MET B 116 -1.26 -2.41 -7.57
CA MET B 116 -0.93 -2.08 -6.16
C MET B 116 -1.96 -2.69 -5.21
N CYS B 117 -3.24 -2.47 -5.50
CA CYS B 117 -4.32 -2.90 -4.61
C CYS B 117 -4.51 -4.42 -4.66
N PHE B 118 -4.23 -5.03 -5.82
CA PHE B 118 -4.15 -6.50 -5.92
C PHE B 118 -3.16 -7.02 -4.88
N GLY B 119 -1.95 -6.43 -4.81
CA GLY B 119 -1.00 -6.82 -3.74
C GLY B 119 -1.55 -6.56 -2.34
N ALA B 120 -2.17 -5.39 -2.14
CA ALA B 120 -2.70 -5.08 -0.82
C ALA B 120 -3.77 -6.07 -0.38
N VAL B 121 -4.60 -6.51 -1.32
CA VAL B 121 -5.63 -7.48 -0.98
C VAL B 121 -4.97 -8.79 -0.54
N ILE B 122 -3.91 -9.21 -1.25
CA ILE B 122 -3.21 -10.45 -0.86
C ILE B 122 -2.66 -10.35 0.57
N TRP B 123 -2.05 -9.22 0.93
CA TRP B 123 -1.42 -9.15 2.23
C TRP B 123 -2.43 -8.90 3.35
N SER B 124 -3.67 -8.54 3.01
CA SER B 124 -4.58 -8.00 4.04
C SER B 124 -5.21 -9.06 4.95
N GLY B 125 -5.34 -10.29 4.46
CA GLY B 125 -6.08 -11.32 5.18
C GLY B 125 -7.56 -11.39 4.85
N VAL B 126 -8.08 -10.50 3.97
CA VAL B 126 -9.46 -10.73 3.52
C VAL B 126 -9.60 -12.07 2.81
N ARG B 127 -10.79 -12.66 2.91
CA ARG B 127 -11.04 -13.96 2.29
C ARG B 127 -11.85 -13.93 1.00
N SER B 128 -12.35 -12.74 0.68
CA SER B 128 -13.24 -12.59 -0.46
C SER B 128 -13.08 -11.19 -1.02
N LEU B 129 -13.16 -11.10 -2.34
CA LEU B 129 -13.12 -9.84 -3.06
C LEU B 129 -14.35 -9.82 -3.97
N VAL B 130 -15.15 -8.76 -3.90
CA VAL B 130 -16.36 -8.65 -4.74
C VAL B 130 -16.29 -7.33 -5.46
N CYS B 131 -16.30 -7.36 -6.80
CA CYS B 131 -16.09 -6.12 -7.58
C CYS B 131 -17.30 -5.84 -8.47
N ALA B 132 -17.50 -4.55 -8.77
CA ALA B 132 -18.59 -4.15 -9.68
C ALA B 132 -18.03 -3.93 -11.09
N ALA B 133 -17.48 -2.75 -11.35
CA ALA B 133 -16.93 -2.45 -12.68
C ALA B 133 -15.73 -3.33 -13.00
N ARG B 134 -15.56 -3.69 -14.26
CA ARG B 134 -14.42 -4.52 -14.65
CA ARG B 134 -14.44 -4.51 -14.73
C ARG B 134 -13.20 -3.68 -15.02
N SER B 135 -12.06 -4.35 -15.13
CA SER B 135 -10.83 -3.72 -15.55
C SER B 135 -10.96 -2.95 -16.85
N ASP B 136 -11.60 -3.58 -17.84
CA ASP B 136 -11.76 -2.87 -19.10
CA ASP B 136 -11.82 -2.90 -19.11
C ASP B 136 -12.65 -1.63 -18.98
N ASP B 137 -13.59 -1.63 -18.02
CA ASP B 137 -14.44 -0.46 -17.82
C ASP B 137 -13.60 0.69 -17.27
N VAL B 138 -12.73 0.37 -16.30
CA VAL B 138 -11.84 1.34 -15.69
C VAL B 138 -10.90 1.94 -16.73
N GLU B 139 -10.33 1.08 -17.55
CA GLU B 139 -9.38 1.54 -18.57
CA GLU B 139 -9.37 1.53 -18.56
C GLU B 139 -10.07 2.43 -19.60
N ALA B 140 -11.32 2.09 -19.93
CA ALA B 140 -12.09 2.84 -20.91
C ALA B 140 -12.54 4.25 -20.43
N ILE B 141 -12.35 4.62 -19.16
CA ILE B 141 -12.43 6.04 -18.66
C ILE B 141 -11.08 6.67 -18.25
N GLY B 142 -10.00 6.02 -18.66
CA GLY B 142 -8.72 6.61 -18.55
C GLY B 142 -7.96 6.30 -17.29
N PHE B 143 -8.44 5.36 -16.46
CA PHE B 143 -7.68 4.97 -15.29
C PHE B 143 -6.86 3.72 -15.58
N ASP B 144 -5.69 3.62 -14.99
CA ASP B 144 -4.73 2.59 -15.35
C ASP B 144 -4.77 1.49 -14.27
N GLU B 145 -4.98 0.23 -14.65
CA GLU B 145 -4.86 -0.86 -13.68
C GLU B 145 -3.40 -1.26 -13.50
N GLY B 146 -2.52 -0.84 -14.41
CA GLY B 146 -1.12 -1.22 -14.30
C GLY B 146 -0.85 -2.66 -14.71
N PRO B 147 0.44 -3.03 -14.68
CA PRO B 147 0.82 -4.38 -15.09
C PRO B 147 0.56 -5.42 -14.00
N ARG B 148 -0.68 -5.88 -13.89
CA ARG B 148 -0.97 -7.04 -13.07
C ARG B 148 -0.35 -8.30 -13.68
N PRO B 149 -0.05 -9.30 -12.85
CA PRO B 149 0.42 -10.56 -13.45
C PRO B 149 -0.70 -11.18 -14.26
N GLU B 150 -0.30 -12.03 -15.19
CA GLU B 150 -1.23 -12.86 -15.93
CA GLU B 150 -1.28 -12.82 -15.93
C GLU B 150 -2.09 -13.65 -14.92
N ASN B 151 -3.41 -13.69 -15.14
CA ASN B 151 -4.33 -14.49 -14.31
C ASN B 151 -4.34 -14.02 -12.86
N TRP B 152 -4.48 -12.71 -12.68
CA TRP B 152 -4.47 -12.13 -11.33
C TRP B 152 -5.64 -12.70 -10.50
N MET B 153 -6.80 -12.98 -11.13
CA MET B 153 -7.91 -13.55 -10.38
C MET B 153 -7.56 -14.92 -9.84
N GLY B 154 -6.91 -15.74 -10.67
CA GLY B 154 -6.43 -17.05 -10.23
C GLY B 154 -5.41 -16.90 -9.13
N GLY B 155 -4.60 -15.86 -9.21
CA GLY B 155 -3.61 -15.59 -8.16
C GLY B 155 -4.25 -15.37 -6.81
N LEU B 156 -5.34 -14.61 -6.81
CA LEU B 156 -6.09 -14.42 -5.57
C LEU B 156 -6.73 -15.73 -5.09
N GLU B 157 -7.34 -16.46 -6.03
CA GLU B 157 -8.06 -17.68 -5.70
C GLU B 157 -7.14 -18.73 -5.08
N ALA B 158 -5.92 -18.80 -5.61
CA ALA B 158 -4.92 -19.78 -5.11
C ALA B 158 -4.53 -19.51 -3.66
N ARG B 159 -4.68 -18.25 -3.26
CA ARG B 159 -4.36 -17.83 -1.90
CA ARG B 159 -4.33 -17.84 -1.91
C ARG B 159 -5.53 -17.87 -0.94
N GLY B 160 -6.67 -18.38 -1.41
CA GLY B 160 -7.84 -18.49 -0.54
C GLY B 160 -8.69 -17.22 -0.53
N ILE B 161 -8.53 -16.39 -1.56
CA ILE B 161 -9.34 -15.16 -1.67
C ILE B 161 -10.28 -15.35 -2.85
N THR B 162 -11.56 -15.56 -2.56
CA THR B 162 -12.54 -15.80 -3.59
C THR B 162 -12.75 -14.51 -4.34
N VAL B 163 -13.08 -14.62 -5.61
CA VAL B 163 -13.27 -13.42 -6.43
C VAL B 163 -14.61 -13.49 -7.14
N THR B 164 -15.40 -12.43 -6.97
CA THR B 164 -16.59 -12.28 -7.80
CA THR B 164 -16.67 -12.21 -7.68
C THR B 164 -16.55 -10.91 -8.46
N THR B 165 -16.98 -10.89 -9.72
CA THR B 165 -16.88 -9.70 -10.54
C THR B 165 -18.24 -9.39 -11.17
N GLY B 166 -18.43 -8.14 -11.56
CA GLY B 166 -19.60 -7.76 -12.32
C GLY B 166 -20.83 -7.46 -11.48
N LEU B 167 -20.70 -7.41 -10.14
CA LEU B 167 -21.88 -7.23 -9.28
C LEU B 167 -22.33 -5.76 -9.26
N LEU B 168 -23.55 -5.51 -9.75
CA LEU B 168 -24.01 -4.13 -9.98
C LEU B 168 -23.05 -3.38 -10.93
N ARG B 169 -22.48 -4.11 -11.88
CA ARG B 169 -21.58 -3.48 -12.85
C ARG B 169 -22.24 -2.32 -13.57
N ASP B 170 -23.50 -2.52 -13.99
CA ASP B 170 -24.16 -1.50 -14.77
C ASP B 170 -24.36 -0.20 -13.97
N ALA B 171 -24.71 -0.36 -12.70
CA ALA B 171 -24.88 0.83 -11.84
C ALA B 171 -23.53 1.54 -11.62
N ALA B 172 -22.47 0.74 -11.40
CA ALA B 172 -21.11 1.32 -11.23
C ALA B 172 -20.69 2.06 -12.49
N CYS B 173 -21.02 1.47 -13.64
CA CYS B 173 -20.68 2.09 -14.92
C CYS B 173 -21.45 3.39 -15.13
N ALA B 174 -22.70 3.46 -14.67
CA ALA B 174 -23.41 4.74 -14.76
C ALA B 174 -22.64 5.86 -14.05
N LEU B 175 -22.14 5.57 -12.85
CA LEU B 175 -21.40 6.58 -12.09
C LEU B 175 -20.07 6.91 -12.79
N LEU B 176 -19.40 5.90 -13.34
CA LEU B 176 -18.12 6.13 -14.02
C LEU B 176 -18.31 7.00 -15.27
N ARG B 177 -19.35 6.70 -16.07
CA ARG B 177 -19.61 7.49 -17.28
C ARG B 177 -19.96 8.90 -16.88
N GLU B 178 -20.74 9.07 -15.82
CA GLU B 178 -21.10 10.44 -15.38
C GLU B 178 -19.86 11.21 -14.96
N TYR B 179 -18.95 10.54 -14.26
CA TYR B 179 -17.71 11.15 -13.84
C TYR B 179 -16.91 11.61 -15.05
N ASN B 180 -16.76 10.69 -16.02
CA ASN B 180 -15.88 10.92 -17.17
C ASN B 180 -16.40 12.09 -17.96
N ALA B 181 -17.72 12.16 -18.12
CA ALA B 181 -18.34 13.26 -18.86
C ALA B 181 -18.13 14.61 -18.15
N CYS B 182 -18.05 14.58 -16.82
CA CYS B 182 -17.91 15.79 -16.01
C CYS B 182 -16.49 15.97 -15.47
#